data_3ZYG
#
_entry.id   3ZYG
#
_cell.length_a   111.500
_cell.length_b   64.880
_cell.length_c   120.080
_cell.angle_alpha   90.00
_cell.angle_beta   103.06
_cell.angle_gamma   90.00
#
_symmetry.space_group_name_H-M   'C 1 2 1'
#
loop_
_entity.id
_entity.type
_entity.pdbx_description
1 polymer NETRIN-G2
2 non-polymer 2-acetamido-2-deoxy-beta-D-glucopyranose
3 non-polymer 'CALCIUM ION'
4 water water
#
_entity_poly.entity_id   1
_entity_poly.type   'polypeptide(L)'
_entity_poly.pdbx_seq_one_letter_code
;MLHLLALFLHCLPLASGDYDICKSWVTTDEGPTWEFYACQPKVMRLKDYVKVKVEPSGITCGDPPERFCSHENPYLCSNE
CDASNPDLAHPPRLMFDKEEEGLATYWQSITWSRYPSPLEANITLSWNKTVELTDDVVMTFEYGRPTVMVLEKSLDNGRT
WQPYQFYAEDCMEAFGMSARRARDMSSSSAHRVLCTEEYSRWAGSKKEKHVRFEVRDRFAIFAGPDLRNMDNLYTRLESA
KGLKEFFTLTDLRMRLLRPALGGTYVQRENLYKYFYAISNIEVIGRCKCNLHANLCSMREGSLQCECEHNTTGPDCGKCK
KNFRTRSWRAGSYLPLPHGSPNACAGTHHHHHH
;
_entity_poly.pdbx_strand_id   A,B
#
# COMPACT_ATOMS: atom_id res chain seq x y z
N TYR A 19 -2.69 4.93 11.95
CA TYR A 19 -2.37 3.60 12.40
C TYR A 19 -1.84 3.63 13.82
N ASP A 20 -2.52 4.38 14.68
CA ASP A 20 -2.16 4.53 16.10
C ASP A 20 -2.89 3.57 17.02
N ILE A 21 -3.93 2.90 16.49
CA ILE A 21 -4.85 2.06 17.25
C ILE A 21 -4.83 0.61 16.80
N CYS A 22 -4.57 -0.30 17.76
CA CYS A 22 -4.53 -1.73 17.43
C CYS A 22 -5.90 -2.36 17.56
N LYS A 23 -6.65 -1.94 18.57
CA LYS A 23 -7.99 -2.45 18.88
C LYS A 23 -8.88 -1.39 19.47
N SER A 24 -10.20 -1.51 19.24
CA SER A 24 -11.20 -0.61 19.80
C SER A 24 -12.50 -1.36 20.06
N TRP A 25 -13.18 -0.98 21.14
CA TRP A 25 -14.44 -1.57 21.59
C TRP A 25 -15.56 -0.87 20.83
N VAL A 26 -16.09 -1.51 19.76
CA VAL A 26 -17.12 -0.94 18.88
C VAL A 26 -18.56 -1.49 19.14
N THR A 27 -19.57 -0.81 18.58
CA THR A 27 -20.99 -1.18 18.65
C THR A 27 -21.48 -1.55 17.25
N THR A 28 -21.78 -2.85 17.02
CA THR A 28 -22.28 -3.34 15.72
C THR A 28 -23.79 -3.62 15.77
N ASP A 29 -24.34 -4.28 14.72
CA ASP A 29 -25.76 -4.65 14.65
C ASP A 29 -26.06 -5.86 15.58
N GLU A 30 -25.00 -6.55 16.06
CA GLU A 30 -25.07 -7.74 16.93
C GLU A 30 -24.68 -7.47 18.40
N GLY A 31 -24.20 -6.27 18.71
CA GLY A 31 -23.78 -5.89 20.06
C GLY A 31 -22.34 -5.43 20.14
N PRO A 32 -21.87 -5.00 21.34
CA PRO A 32 -20.48 -4.52 21.45
C PRO A 32 -19.41 -5.60 21.30
N THR A 33 -18.39 -5.31 20.47
CA THR A 33 -17.26 -6.22 20.21
C THR A 33 -15.95 -5.46 20.11
N TRP A 34 -14.82 -6.20 20.12
CA TRP A 34 -13.50 -5.65 19.87
C TRP A 34 -13.31 -5.71 18.35
N GLU A 35 -12.82 -4.61 17.78
CA GLU A 35 -12.46 -4.51 16.37
C GLU A 35 -10.98 -4.25 16.34
N PHE A 36 -10.28 -4.85 15.36
CA PHE A 36 -8.83 -4.75 15.23
C PHE A 36 -8.39 -4.01 14.00
N TYR A 37 -7.28 -3.25 14.10
CA TYR A 37 -6.72 -2.41 13.01
C TYR A 37 -5.24 -2.59 12.90
N ALA A 38 -4.66 -2.25 11.70
CA ALA A 38 -3.21 -2.24 11.46
C ALA A 38 -2.70 -1.13 12.37
N CYS A 39 -1.58 -1.38 13.05
CA CYS A 39 -1.03 -0.39 13.95
C CYS A 39 0.46 -0.35 13.93
N GLN A 40 0.98 0.83 14.23
CA GLN A 40 2.38 1.22 14.17
C GLN A 40 2.79 1.92 15.47
N PRO A 41 4.00 1.65 16.00
CA PRO A 41 4.46 2.41 17.19
C PRO A 41 4.91 3.83 16.83
N LYS A 42 5.09 4.69 17.84
CA LYS A 42 5.52 6.08 17.66
C LYS A 42 6.90 6.21 17.04
N VAL A 43 7.17 7.36 16.41
CA VAL A 43 8.47 7.72 15.86
C VAL A 43 9.37 8.12 17.08
N MET A 44 10.60 7.61 17.10
CA MET A 44 11.54 7.84 18.20
C MET A 44 12.78 8.59 17.74
N ARG A 45 13.53 9.08 18.74
CA ARG A 45 14.88 9.63 18.60
C ARG A 45 15.72 8.37 18.65
N LEU A 46 15.89 7.70 17.50
CA LEU A 46 16.65 6.46 17.40
C LEU A 46 18.08 6.51 17.89
N LYS A 47 18.76 7.70 17.80
CA LYS A 47 20.14 7.84 18.32
C LYS A 47 20.19 7.57 19.83
N ASP A 48 19.02 7.68 20.53
CA ASP A 48 18.95 7.40 21.99
C ASP A 48 19.14 5.92 22.36
N TYR A 49 18.89 5.02 21.39
CA TYR A 49 18.96 3.57 21.54
C TYR A 49 20.13 2.93 20.76
N VAL A 50 21.06 3.75 20.26
CA VAL A 50 22.19 3.27 19.47
C VAL A 50 23.37 2.70 20.29
N LYS A 51 23.96 1.58 19.79
CA LYS A 51 25.20 1.01 20.31
C LYS A 51 26.23 1.38 19.24
N VAL A 52 27.15 2.29 19.58
CA VAL A 52 28.17 2.73 18.61
C VAL A 52 29.45 1.96 18.79
N LYS A 53 30.18 1.82 17.67
CA LYS A 53 31.48 1.17 17.56
C LYS A 53 32.18 1.88 16.43
N VAL A 54 33.35 2.36 16.72
CA VAL A 54 34.20 3.08 15.78
C VAL A 54 35.45 2.20 15.60
N GLU A 55 35.75 1.89 14.35
CA GLU A 55 36.89 1.05 14.00
C GLU A 55 37.68 1.70 12.83
N PRO A 56 38.96 1.36 12.62
CA PRO A 56 39.78 0.40 13.40
C PRO A 56 40.23 0.94 14.75
N SER A 57 40.80 0.07 15.60
CA SER A 57 41.34 0.47 16.91
C SER A 57 42.46 1.53 16.72
N GLY A 58 42.40 2.61 17.49
CA GLY A 58 43.36 3.72 17.40
C GLY A 58 43.03 4.81 16.39
N ILE A 59 41.83 4.76 15.75
CA ILE A 59 41.36 5.76 14.77
C ILE A 59 40.95 7.10 15.41
N THR A 60 40.59 7.05 16.70
CA THR A 60 40.13 8.18 17.50
C THR A 60 41.38 8.86 18.04
N CYS A 61 41.44 10.18 17.93
CA CYS A 61 42.58 10.99 18.37
C CYS A 61 42.79 10.86 19.90
N GLY A 62 43.97 11.27 20.38
CA GLY A 62 44.25 11.36 21.82
C GLY A 62 44.93 10.26 22.57
N ASP A 63 45.24 9.13 21.89
CA ASP A 63 45.96 7.98 22.45
C ASP A 63 47.03 7.43 21.49
N PRO A 64 48.26 7.99 21.49
CA PRO A 64 48.79 9.06 22.38
C PRO A 64 48.37 10.51 22.02
N PRO A 65 48.51 11.50 22.95
CA PRO A 65 48.12 12.88 22.61
C PRO A 65 48.73 13.40 21.32
N GLU A 66 47.92 14.16 20.57
CA GLU A 66 48.30 14.63 19.25
C GLU A 66 47.78 16.04 19.03
N ARG A 67 48.59 16.88 18.39
CA ARG A 67 48.18 18.23 18.07
C ARG A 67 47.39 18.23 16.75
N PHE A 68 46.66 19.32 16.49
CA PHE A 68 45.86 19.49 15.27
C PHE A 68 45.59 20.94 14.99
N CYS A 69 45.20 21.24 13.76
CA CYS A 69 44.85 22.59 13.37
C CYS A 69 43.35 22.74 13.63
N SER A 70 42.99 23.72 14.48
CA SER A 70 41.61 24.06 14.84
C SER A 70 41.25 25.40 14.15
N HIS A 71 39.97 25.84 14.20
CA HIS A 71 39.55 27.09 13.57
C HIS A 71 40.18 28.29 14.31
N GLU A 72 40.25 28.22 15.66
CA GLU A 72 40.83 29.22 16.55
C GLU A 72 42.36 29.36 16.33
N ASN A 73 43.06 28.22 16.21
CA ASN A 73 44.51 28.18 16.00
C ASN A 73 44.84 27.47 14.65
N PRO A 74 44.63 28.14 13.50
CA PRO A 74 44.84 27.45 12.20
C PRO A 74 46.26 27.45 11.64
N TYR A 75 47.21 28.20 12.26
CA TYR A 75 48.60 28.24 11.77
C TYR A 75 49.60 27.67 12.74
N LEU A 76 49.49 28.00 14.06
CA LEU A 76 50.39 27.40 15.06
C LEU A 76 50.04 25.95 15.32
N CYS A 77 48.78 25.52 15.00
CA CYS A 77 48.22 24.17 15.15
C CYS A 77 48.65 23.48 16.45
N SER A 78 48.46 24.19 17.57
CA SER A 78 48.86 23.70 18.88
C SER A 78 47.70 23.21 19.75
N ASN A 79 46.49 23.03 19.13
CA ASN A 79 45.35 22.47 19.85
C ASN A 79 45.64 20.98 20.00
N GLU A 80 45.33 20.44 21.17
CA GLU A 80 45.65 19.08 21.55
C GLU A 80 44.40 18.20 21.73
N CYS A 81 44.48 16.93 21.27
CA CYS A 81 43.45 15.93 21.53
C CYS A 81 44.13 14.94 22.47
N ASP A 82 43.61 14.82 23.66
CA ASP A 82 44.17 13.94 24.67
C ASP A 82 43.01 13.18 25.32
N ALA A 83 42.88 11.87 24.99
CA ALA A 83 41.83 10.96 25.48
C ALA A 83 41.79 10.78 27.01
N SER A 84 42.90 11.07 27.70
CA SER A 84 42.98 10.98 29.16
C SER A 84 42.48 12.25 29.85
N ASN A 85 42.25 13.32 29.07
CA ASN A 85 41.79 14.59 29.62
C ASN A 85 40.36 14.88 29.12
N PRO A 86 39.35 14.79 30.04
CA PRO A 86 37.94 15.03 29.66
C PRO A 86 37.69 16.27 28.81
N ASP A 87 38.35 17.39 29.15
CA ASP A 87 38.28 18.69 28.47
C ASP A 87 38.90 18.66 27.06
N LEU A 88 39.81 17.69 26.78
CA LEU A 88 40.49 17.60 25.48
C LEU A 88 40.22 16.27 24.73
N ALA A 89 39.28 15.43 25.22
CA ALA A 89 38.93 14.15 24.60
C ALA A 89 37.75 14.25 23.66
N HIS A 90 37.73 13.39 22.61
CA HIS A 90 36.67 13.32 21.59
C HIS A 90 36.16 11.87 21.41
N PRO A 91 35.63 11.22 22.49
CA PRO A 91 35.11 9.85 22.34
C PRO A 91 33.88 9.76 21.43
N PRO A 92 33.56 8.57 20.89
CA PRO A 92 32.41 8.48 19.96
C PRO A 92 31.06 8.91 20.53
N ARG A 93 30.87 8.83 21.86
CA ARG A 93 29.64 9.22 22.55
C ARG A 93 29.17 10.67 22.26
N LEU A 94 30.10 11.55 21.84
CA LEU A 94 29.85 12.96 21.49
C LEU A 94 29.04 13.16 20.20
N MET A 95 28.87 12.11 19.41
CA MET A 95 28.04 12.19 18.19
C MET A 95 26.57 12.05 18.51
N PHE A 96 26.21 11.78 19.79
CA PHE A 96 24.85 11.47 20.22
C PHE A 96 24.33 12.20 21.45
N ASP A 97 25.08 13.18 21.99
CA ASP A 97 24.71 13.92 23.21
C ASP A 97 23.76 15.12 22.91
N LYS A 98 23.35 15.81 23.97
CA LYS A 98 22.50 16.98 23.88
C LYS A 98 23.43 18.17 23.99
N GLU A 99 23.44 18.99 22.96
CA GLU A 99 24.32 20.14 22.88
C GLU A 99 23.69 21.42 23.36
N GLU A 100 24.51 22.29 23.93
CA GLU A 100 24.13 23.63 24.40
C GLU A 100 24.52 24.61 23.28
N GLU A 101 23.83 25.76 23.24
CA GLU A 101 24.07 26.80 22.25
C GLU A 101 25.56 27.21 22.20
N GLY A 102 26.10 27.30 20.99
CA GLY A 102 27.48 27.68 20.76
C GLY A 102 28.53 26.68 21.18
N LEU A 103 28.11 25.45 21.61
CA LEU A 103 29.04 24.41 22.06
C LEU A 103 28.78 23.06 21.35
N ALA A 104 29.31 22.91 20.12
CA ALA A 104 29.18 21.63 19.41
C ALA A 104 30.26 20.66 19.96
N THR A 105 29.88 19.42 20.29
CA THR A 105 30.81 18.41 20.83
C THR A 105 30.93 17.34 19.78
N TYR A 106 32.15 16.87 19.57
CA TYR A 106 32.38 15.95 18.48
C TYR A 106 33.37 14.88 18.73
N TRP A 107 33.17 13.77 18.04
CA TRP A 107 34.16 12.72 17.98
C TRP A 107 35.19 13.30 16.95
N GLN A 108 36.46 12.94 17.12
CA GLN A 108 37.53 13.39 16.22
C GLN A 108 38.47 12.26 15.97
N SER A 109 38.84 12.10 14.72
CA SER A 109 39.78 11.08 14.33
C SER A 109 41.22 11.60 14.49
N ILE A 110 42.21 10.69 14.32
CA ILE A 110 43.66 11.01 14.26
C ILE A 110 43.86 11.96 13.02
N THR A 111 44.97 12.70 12.98
CA THR A 111 45.22 13.53 11.82
C THR A 111 45.71 12.59 10.68
N TRP A 112 45.79 13.10 9.45
CA TRP A 112 46.20 12.33 8.29
C TRP A 112 47.75 12.26 8.19
N SER A 113 48.43 12.07 9.35
CA SER A 113 49.89 11.96 9.47
C SER A 113 50.51 10.81 8.66
N ARG A 114 49.70 9.74 8.37
CA ARG A 114 50.08 8.58 7.56
C ARG A 114 49.87 8.76 6.05
N TYR A 115 49.56 9.99 5.61
CA TYR A 115 49.38 10.30 4.18
C TYR A 115 50.63 9.79 3.36
N PRO A 116 50.50 9.11 2.18
CA PRO A 116 49.32 8.85 1.34
C PRO A 116 48.46 7.65 1.72
N SER A 117 48.76 6.99 2.85
CA SER A 117 47.94 5.87 3.33
C SER A 117 46.55 6.48 3.61
N PRO A 118 45.45 5.90 3.09
CA PRO A 118 44.14 6.53 3.29
C PRO A 118 43.69 6.65 4.75
N LEU A 119 42.97 7.73 5.07
CA LEU A 119 42.42 7.95 6.39
C LEU A 119 41.00 7.41 6.38
N GLU A 120 40.81 6.23 7.00
CA GLU A 120 39.54 5.52 7.00
C GLU A 120 38.99 5.24 8.38
N ALA A 121 37.69 5.44 8.54
CA ALA A 121 37.02 5.14 9.80
C ALA A 121 35.71 4.48 9.45
N ASN A 122 35.37 3.39 10.16
CA ASN A 122 34.09 2.68 10.02
C ASN A 122 33.29 3.00 11.28
N ILE A 123 32.14 3.65 11.12
CA ILE A 123 31.28 3.99 12.25
C ILE A 123 30.00 3.18 12.16
N THR A 124 29.85 2.25 13.08
CA THR A 124 28.72 1.34 13.07
C THR A 124 27.68 1.66 14.17
N LEU A 125 26.39 1.73 13.76
CA LEU A 125 25.28 2.06 14.64
C LEU A 125 24.35 0.87 14.77
N SER A 126 24.30 0.28 15.95
CA SER A 126 23.47 -0.90 16.14
C SER A 126 22.29 -0.69 17.02
N TRP A 127 21.13 -1.21 16.57
CA TRP A 127 19.86 -1.16 17.30
C TRP A 127 19.45 -2.49 17.92
N ASN A 128 20.01 -3.63 17.42
CA ASN A 128 19.64 -5.00 17.79
C ASN A 128 18.08 -5.18 17.72
N LYS A 129 17.47 -4.46 16.77
CA LYS A 129 16.04 -4.46 16.48
C LYS A 129 15.88 -3.88 15.08
N THR A 130 14.93 -4.42 14.31
CA THR A 130 14.59 -3.93 12.99
C THR A 130 13.78 -2.61 13.20
N VAL A 131 14.24 -1.54 12.60
CA VAL A 131 13.63 -0.21 12.68
C VAL A 131 13.30 0.26 11.28
N GLU A 132 12.45 1.28 11.18
CA GLU A 132 11.98 1.85 9.92
C GLU A 132 12.20 3.34 9.92
N LEU A 133 13.06 3.82 8.99
CA LEU A 133 13.34 5.27 8.86
C LEU A 133 12.11 6.03 8.39
N THR A 134 11.81 7.13 9.09
CA THR A 134 10.63 7.96 8.83
C THR A 134 11.03 9.36 8.41
N ASP A 135 12.29 9.71 8.61
CA ASP A 135 12.86 10.98 8.22
C ASP A 135 14.33 10.82 7.79
N ASP A 136 14.96 11.90 7.26
CA ASP A 136 16.36 11.87 6.83
C ASP A 136 17.34 11.47 7.92
N VAL A 137 18.45 10.82 7.49
CA VAL A 137 19.58 10.55 8.37
C VAL A 137 20.46 11.76 8.14
N VAL A 138 20.79 12.47 9.22
CA VAL A 138 21.60 13.69 9.14
C VAL A 138 22.87 13.44 9.91
N MET A 139 24.02 13.55 9.22
CA MET A 139 25.37 13.39 9.78
C MET A 139 26.05 14.79 9.71
N THR A 140 26.43 15.37 10.88
CA THR A 140 26.99 16.74 11.00
C THR A 140 28.49 16.67 11.31
N PHE A 141 29.31 17.25 10.41
CA PHE A 141 30.79 17.31 10.45
C PHE A 141 31.20 18.71 10.82
N GLU A 142 32.28 18.84 11.60
CA GLU A 142 32.78 20.13 12.09
C GLU A 142 33.95 20.71 11.32
N TYR A 143 34.79 19.85 10.76
CA TYR A 143 35.95 20.32 9.99
C TYR A 143 35.89 19.79 8.56
N GLY A 144 34.76 20.08 7.91
CA GLY A 144 34.48 19.66 6.55
C GLY A 144 33.89 18.26 6.47
N ARG A 145 33.03 18.08 5.48
CA ARG A 145 32.36 16.82 5.20
C ARG A 145 33.30 15.97 4.34
N PRO A 146 33.13 14.64 4.34
CA PRO A 146 34.05 13.80 3.56
C PRO A 146 34.01 14.06 2.05
N THR A 147 35.11 13.75 1.39
CA THR A 147 35.25 13.81 -0.05
C THR A 147 34.64 12.49 -0.55
N VAL A 148 34.87 11.39 0.20
CA VAL A 148 34.39 10.04 -0.14
C VAL A 148 33.87 9.34 1.15
N MET A 149 32.63 8.88 1.11
CA MET A 149 32.02 8.09 2.17
C MET A 149 30.90 7.20 1.61
N VAL A 150 30.74 5.99 2.19
CA VAL A 150 29.67 5.06 1.86
C VAL A 150 28.85 4.83 3.12
N LEU A 151 27.55 4.96 3.02
CA LEU A 151 26.63 4.61 4.10
C LEU A 151 26.05 3.22 3.77
N GLU A 152 26.23 2.25 4.68
CA GLU A 152 25.72 0.89 4.43
C GLU A 152 24.64 0.56 5.45
N LYS A 153 23.89 -0.50 5.22
CA LYS A 153 22.86 -0.95 6.15
C LYS A 153 22.88 -2.45 6.26
N SER A 154 22.40 -2.93 7.41
CA SER A 154 22.29 -4.35 7.73
C SER A 154 20.88 -4.66 8.19
N LEU A 155 20.38 -5.85 7.83
CA LEU A 155 19.04 -6.28 8.24
C LEU A 155 19.08 -7.52 9.16
N ASP A 156 20.27 -8.05 9.37
CA ASP A 156 20.49 -9.23 10.19
C ASP A 156 21.56 -8.97 11.23
N ASN A 157 21.52 -7.82 11.85
CA ASN A 157 22.44 -7.46 12.93
C ASN A 157 23.91 -7.55 12.62
N GLY A 158 24.32 -7.10 11.43
CA GLY A 158 25.73 -7.08 11.04
C GLY A 158 26.36 -8.35 10.50
N ARG A 159 25.59 -9.42 10.31
CA ARG A 159 26.09 -10.65 9.69
C ARG A 159 26.30 -10.32 8.19
N THR A 160 25.38 -9.53 7.62
CA THR A 160 25.41 -9.10 6.22
C THR A 160 25.28 -7.56 6.03
N TRP A 161 26.03 -7.04 5.03
CA TRP A 161 26.02 -5.65 4.72
C TRP A 161 25.78 -5.39 3.25
N GLN A 162 25.03 -4.35 2.98
CA GLN A 162 24.70 -3.89 1.64
C GLN A 162 24.86 -2.38 1.56
N PRO A 163 25.33 -1.86 0.41
CA PRO A 163 25.40 -0.40 0.24
C PRO A 163 23.98 0.20 0.31
N TYR A 164 23.86 1.39 0.90
CA TYR A 164 22.57 2.06 1.08
C TYR A 164 22.58 3.42 0.33
N GLN A 165 23.72 4.12 0.39
CA GLN A 165 23.96 5.42 -0.26
C GLN A 165 25.47 5.63 -0.38
N PHE A 166 25.91 6.22 -1.50
CA PHE A 166 27.31 6.57 -1.77
C PHE A 166 27.42 8.08 -1.85
N TYR A 167 28.54 8.61 -1.35
CA TYR A 167 28.83 10.03 -1.37
C TYR A 167 30.22 10.25 -1.90
N ALA A 168 30.36 11.17 -2.86
CA ALA A 168 31.68 11.52 -3.41
C ALA A 168 31.65 12.90 -4.03
N GLU A 169 32.80 13.58 -4.05
CA GLU A 169 32.94 14.86 -4.71
C GLU A 169 32.75 14.60 -6.22
N ASP A 170 33.23 13.44 -6.68
CA ASP A 170 33.13 12.96 -8.05
C ASP A 170 32.70 11.51 -7.94
N CYS A 171 31.41 11.26 -8.16
CA CYS A 171 30.83 9.91 -8.12
C CYS A 171 31.46 8.95 -9.13
N MET A 172 31.73 9.43 -10.36
CA MET A 172 32.37 8.61 -11.41
C MET A 172 33.76 8.16 -11.06
N GLU A 173 34.60 9.09 -10.53
CA GLU A 173 35.99 8.81 -10.14
C GLU A 173 36.08 7.86 -8.92
N ALA A 174 35.17 8.04 -7.95
CA ALA A 174 35.19 7.25 -6.73
C ALA A 174 34.57 5.88 -6.85
N PHE A 175 33.38 5.79 -7.45
CA PHE A 175 32.65 4.52 -7.51
C PHE A 175 32.18 4.10 -8.88
N GLY A 176 32.47 4.88 -9.91
CA GLY A 176 32.01 4.56 -11.26
C GLY A 176 30.51 4.72 -11.45
N MET A 177 29.86 5.52 -10.58
CA MET A 177 28.41 5.76 -10.63
C MET A 177 28.12 7.17 -11.11
N SER A 178 27.01 7.31 -11.82
CA SER A 178 26.52 8.61 -12.28
C SER A 178 25.89 9.29 -11.04
N ALA A 179 26.16 10.60 -10.86
CA ALA A 179 25.66 11.38 -9.73
C ALA A 179 24.17 11.60 -9.87
N ARG A 180 23.40 11.15 -8.87
CA ARG A 180 21.94 11.26 -8.87
C ARG A 180 21.43 11.70 -7.50
N ARG A 181 20.20 12.25 -7.49
CA ARG A 181 19.54 12.70 -6.27
C ARG A 181 18.31 11.83 -6.04
N ALA A 182 17.97 11.59 -4.76
CA ALA A 182 16.77 10.84 -4.38
C ALA A 182 15.55 11.58 -4.93
N ARG A 183 15.64 12.94 -4.97
CA ARG A 183 14.64 13.90 -5.47
C ARG A 183 14.35 13.69 -6.97
N ASP A 184 15.32 13.12 -7.73
CA ASP A 184 15.19 12.91 -9.19
C ASP A 184 14.64 11.54 -9.56
N MET A 185 14.27 10.73 -8.56
CA MET A 185 13.79 9.38 -8.82
C MET A 185 12.30 9.32 -9.15
N SER A 186 11.89 8.27 -9.89
CA SER A 186 10.52 7.95 -10.28
C SER A 186 9.92 6.98 -9.26
N SER A 187 8.62 6.66 -9.38
CA SER A 187 7.92 5.73 -8.48
C SER A 187 8.39 4.27 -8.64
N SER A 188 9.06 3.96 -9.76
CA SER A 188 9.58 2.62 -10.05
C SER A 188 11.02 2.44 -9.53
N SER A 189 11.69 3.55 -9.13
CA SER A 189 13.07 3.54 -8.66
C SER A 189 13.30 4.35 -7.35
N ALA A 190 12.27 4.44 -6.48
CA ALA A 190 12.39 5.17 -5.22
C ALA A 190 13.29 4.44 -4.21
N HIS A 191 13.45 3.13 -4.39
CA HIS A 191 14.22 2.18 -3.58
C HIS A 191 15.66 1.95 -4.14
N ARG A 192 16.07 2.69 -5.17
CA ARG A 192 17.41 2.55 -5.78
C ARG A 192 18.48 3.18 -4.89
N VAL A 193 19.61 2.49 -4.69
CA VAL A 193 20.77 2.98 -3.92
C VAL A 193 21.50 3.92 -4.91
N LEU A 194 21.69 5.19 -4.52
CA LEU A 194 22.35 6.16 -5.39
C LEU A 194 23.71 6.67 -4.88
N CYS A 195 24.48 7.37 -5.76
CA CYS A 195 25.68 8.11 -5.39
C CYS A 195 25.32 9.57 -5.57
N THR A 196 25.69 10.40 -4.59
CA THR A 196 25.43 11.84 -4.69
C THR A 196 26.67 12.67 -4.45
N GLU A 197 26.74 13.86 -5.08
CA GLU A 197 27.85 14.78 -4.92
C GLU A 197 27.47 15.99 -4.09
N GLU A 198 26.16 16.15 -3.82
CA GLU A 198 25.52 17.24 -3.11
C GLU A 198 26.12 17.57 -1.71
N TYR A 199 26.67 16.55 -1.01
CA TYR A 199 27.22 16.74 0.35
C TYR A 199 28.74 16.62 0.46
N SER A 200 29.44 16.47 -0.67
CA SER A 200 30.88 16.23 -0.68
C SER A 200 31.69 17.26 -1.44
N ARG A 201 31.09 17.80 -2.52
CA ARG A 201 31.61 18.79 -3.47
C ARG A 201 31.88 20.12 -2.79
N TRP A 202 33.13 20.57 -2.82
CA TRP A 202 33.62 21.82 -2.21
C TRP A 202 32.90 23.05 -2.80
N GLU A 208 28.00 24.79 5.64
CA GLU A 208 27.35 23.51 5.35
C GLU A 208 28.09 22.32 5.98
N LYS A 209 27.52 21.80 7.06
CA LYS A 209 28.04 20.71 7.86
C LYS A 209 27.31 19.41 7.61
N HIS A 210 26.09 19.46 7.12
CA HIS A 210 25.25 18.27 6.98
C HIS A 210 25.42 17.35 5.79
N VAL A 211 25.54 16.05 6.07
CA VAL A 211 25.54 14.97 5.09
C VAL A 211 24.20 14.35 5.36
N ARG A 212 23.42 14.11 4.30
CA ARG A 212 22.05 13.59 4.42
C ARG A 212 21.83 12.32 3.67
N PHE A 213 21.01 11.45 4.27
CA PHE A 213 20.50 10.27 3.59
C PHE A 213 19.04 10.62 3.50
N GLU A 214 18.63 11.01 2.29
CA GLU A 214 17.32 11.54 1.91
C GLU A 214 16.18 10.50 1.99
N VAL A 215 15.39 10.54 3.08
CA VAL A 215 14.22 9.66 3.30
C VAL A 215 12.95 10.47 2.92
N ARG A 216 12.83 11.70 3.43
CA ARG A 216 11.69 12.58 3.16
C ARG A 216 11.44 12.81 1.65
N ASP A 217 12.54 12.95 0.84
CA ASP A 217 12.45 13.14 -0.62
C ASP A 217 11.93 11.89 -1.30
N ARG A 218 12.24 10.69 -0.78
CA ARG A 218 11.73 9.44 -1.36
C ARG A 218 10.23 9.25 -1.06
N PHE A 219 9.75 9.75 0.10
CA PHE A 219 8.31 9.72 0.44
C PHE A 219 7.55 10.68 -0.51
N ALA A 220 8.19 11.83 -0.83
CA ALA A 220 7.67 12.89 -1.69
C ALA A 220 7.38 12.41 -3.13
N ILE A 221 8.02 11.32 -3.57
CA ILE A 221 7.80 10.71 -4.89
C ILE A 221 6.30 10.24 -4.97
N PHE A 222 5.81 9.71 -3.85
CA PHE A 222 4.46 9.20 -3.69
C PHE A 222 3.48 10.19 -3.06
N ALA A 223 3.91 10.95 -2.04
CA ALA A 223 3.06 11.85 -1.28
C ALA A 223 3.05 13.33 -1.72
N GLY A 224 3.86 13.68 -2.72
CA GLY A 224 4.01 15.05 -3.18
C GLY A 224 5.07 15.79 -2.37
N PRO A 225 5.66 16.89 -2.87
CA PRO A 225 6.69 17.58 -2.08
C PRO A 225 6.17 18.21 -0.77
N ASP A 226 4.83 18.34 -0.65
CA ASP A 226 4.18 18.85 0.55
C ASP A 226 3.75 17.74 1.51
N LEU A 227 3.86 16.45 1.08
CA LEU A 227 3.49 15.24 1.81
C LEU A 227 1.99 15.17 2.15
N ARG A 228 1.15 15.83 1.33
CA ARG A 228 -0.30 15.87 1.53
C ARG A 228 -0.99 14.63 0.93
N ASN A 229 -0.28 13.86 0.08
CA ASN A 229 -0.85 12.65 -0.48
C ASN A 229 -0.35 11.40 0.27
N MET A 230 -0.62 11.35 1.58
CA MET A 230 -0.23 10.26 2.47
C MET A 230 -0.87 8.94 2.04
N ASP A 231 -2.11 9.01 1.55
CA ASP A 231 -2.90 7.90 1.02
C ASP A 231 -2.13 7.14 -0.06
N ASN A 232 -1.55 7.86 -1.05
CA ASN A 232 -0.78 7.24 -2.11
C ASN A 232 0.50 6.56 -1.60
N LEU A 233 1.16 7.18 -0.60
CA LEU A 233 2.36 6.62 0.01
C LEU A 233 2.05 5.32 0.80
N TYR A 234 1.01 5.33 1.67
CA TYR A 234 0.57 4.10 2.36
C TYR A 234 0.20 3.00 1.36
N THR A 235 -0.49 3.37 0.24
CA THR A 235 -0.88 2.43 -0.83
C THR A 235 0.33 1.79 -1.48
N ARG A 236 1.40 2.57 -1.75
CA ARG A 236 2.59 2.03 -2.40
C ARG A 236 3.48 1.28 -1.44
N LEU A 237 3.56 1.72 -0.16
CA LEU A 237 4.31 0.98 0.86
C LEU A 237 3.78 -0.46 0.95
N GLU A 238 2.49 -0.66 0.62
CA GLU A 238 1.84 -1.96 0.55
C GLU A 238 2.07 -2.68 -0.78
N SER A 239 1.73 -2.02 -1.90
CA SER A 239 1.76 -2.61 -3.23
C SER A 239 3.12 -2.70 -3.95
N ALA A 240 4.03 -1.72 -3.74
CA ALA A 240 5.34 -1.74 -4.40
C ALA A 240 6.39 -2.64 -3.69
N LYS A 241 6.89 -3.67 -4.44
CA LYS A 241 7.89 -4.63 -3.96
C LYS A 241 9.20 -3.97 -3.51
N GLY A 242 9.63 -4.31 -2.30
CA GLY A 242 10.86 -3.81 -1.70
C GLY A 242 10.88 -2.34 -1.29
N LEU A 243 9.74 -1.61 -1.41
CA LEU A 243 9.68 -0.20 -1.03
C LEU A 243 9.81 0.03 0.49
N LYS A 244 9.01 -0.67 1.30
CA LYS A 244 9.04 -0.52 2.78
C LYS A 244 10.35 -1.14 3.35
N GLU A 245 10.80 -2.27 2.77
CA GLU A 245 12.06 -2.92 3.18
C GLU A 245 13.23 -1.96 2.96
N PHE A 246 13.16 -1.05 1.93
CA PHE A 246 14.22 -0.06 1.69
C PHE A 246 14.48 0.83 2.91
N PHE A 247 13.41 1.23 3.63
CA PHE A 247 13.52 2.07 4.82
C PHE A 247 13.82 1.29 6.09
N THR A 248 13.96 -0.04 5.99
CA THR A 248 14.16 -0.94 7.13
C THR A 248 15.60 -1.37 7.37
N LEU A 249 16.00 -1.52 8.65
CA LEU A 249 17.39 -1.90 9.03
C LEU A 249 17.49 -2.29 10.49
N THR A 250 18.59 -3.01 10.86
CA THR A 250 18.92 -3.34 12.27
C THR A 250 20.17 -2.48 12.65
N ASP A 251 20.97 -2.14 11.61
CA ASP A 251 22.22 -1.36 11.71
C ASP A 251 22.49 -0.49 10.49
N LEU A 252 23.25 0.61 10.72
CA LEU A 252 23.79 1.50 9.68
C LEU A 252 25.31 1.55 9.90
N ARG A 253 26.09 1.71 8.84
CA ARG A 253 27.54 1.86 8.95
C ARG A 253 27.98 2.98 8.04
N MET A 254 28.73 3.95 8.59
CA MET A 254 29.30 5.03 7.81
C MET A 254 30.74 4.64 7.54
N ARG A 255 31.09 4.31 6.27
CA ARG A 255 32.48 4.00 5.95
C ARG A 255 33.12 5.29 5.47
N LEU A 256 33.88 5.98 6.35
CA LEU A 256 34.51 7.23 5.94
C LEU A 256 35.80 6.85 5.21
N LEU A 257 35.92 7.30 3.93
CA LEU A 257 37.03 6.93 3.03
C LEU A 257 38.04 8.04 2.76
N ARG A 258 37.61 9.29 2.67
CA ARG A 258 38.51 10.44 2.44
C ARG A 258 37.95 11.70 3.10
N PRO A 259 38.76 12.39 3.95
CA PRO A 259 38.28 13.63 4.58
C PRO A 259 38.15 14.85 3.63
N ALA A 260 37.72 16.03 4.17
CA ALA A 260 37.61 17.28 3.38
C ALA A 260 38.98 17.73 2.89
N LEU A 261 39.04 18.17 1.63
CA LEU A 261 40.29 18.61 1.00
C LEU A 261 40.34 20.11 0.75
N GLY A 262 39.25 20.81 1.05
CA GLY A 262 39.16 22.26 0.89
C GLY A 262 39.25 22.73 -0.55
N GLY A 263 38.88 21.84 -1.48
CA GLY A 263 38.88 22.11 -2.91
C GLY A 263 40.22 22.10 -3.62
N THR A 264 41.26 21.50 -2.98
CA THR A 264 42.60 21.40 -3.56
C THR A 264 43.31 20.06 -3.22
N TYR A 265 44.57 19.91 -3.66
CA TYR A 265 45.36 18.72 -3.36
C TYR A 265 45.80 18.79 -1.88
N VAL A 266 46.14 17.65 -1.29
CA VAL A 266 46.59 17.54 0.09
C VAL A 266 47.86 18.37 0.29
N GLN A 267 47.89 19.18 1.37
CA GLN A 267 49.05 19.98 1.73
C GLN A 267 49.97 19.08 2.58
N ARG A 268 51.00 18.46 1.94
CA ARG A 268 51.92 17.54 2.63
C ARG A 268 52.66 18.16 3.83
N GLU A 269 52.91 19.50 3.82
CA GLU A 269 53.60 20.22 4.89
C GLU A 269 52.74 20.31 6.13
N ASN A 270 51.40 20.21 5.98
CA ASN A 270 50.50 20.37 7.14
C ASN A 270 49.37 19.35 7.12
N LEU A 271 49.68 18.16 7.64
CA LEU A 271 48.76 17.03 7.69
C LEU A 271 47.83 17.10 8.91
N TYR A 272 48.23 17.93 9.88
CA TYR A 272 47.54 18.26 11.12
C TYR A 272 46.19 18.98 10.86
N LYS A 273 46.00 19.40 9.61
CA LYS A 273 44.84 20.10 9.03
C LYS A 273 43.70 19.11 8.73
N TYR A 274 44.05 17.84 8.38
CA TYR A 274 43.09 16.82 7.92
C TYR A 274 42.70 15.82 8.96
N PHE A 275 41.39 15.71 9.23
CA PHE A 275 40.78 14.75 10.16
C PHE A 275 39.25 14.75 10.08
N TYR A 276 38.59 13.70 10.61
CA TYR A 276 37.13 13.66 10.69
C TYR A 276 36.73 14.21 12.08
N ALA A 277 35.69 15.06 12.10
CA ALA A 277 35.11 15.58 13.34
C ALA A 277 33.60 15.54 13.15
N ILE A 278 32.91 14.63 13.89
CA ILE A 278 31.44 14.49 13.81
C ILE A 278 30.76 14.92 15.12
N SER A 279 29.96 16.00 15.07
CA SER A 279 29.24 16.49 16.23
C SER A 279 27.90 15.79 16.47
N ASN A 280 27.23 15.32 15.38
CA ASN A 280 25.92 14.72 15.47
C ASN A 280 25.49 13.79 14.33
N ILE A 281 24.74 12.74 14.71
CA ILE A 281 24.13 11.77 13.81
C ILE A 281 22.67 11.66 14.30
N GLU A 282 21.72 12.20 13.51
CA GLU A 282 20.29 12.17 13.80
C GLU A 282 19.64 11.05 13.00
N VAL A 283 19.01 10.12 13.72
CA VAL A 283 18.32 8.95 13.13
C VAL A 283 16.87 8.98 13.67
N ILE A 284 15.89 9.10 12.75
CA ILE A 284 14.47 9.22 13.07
C ILE A 284 13.66 8.07 12.47
N GLY A 285 12.91 7.40 13.34
CA GLY A 285 12.06 6.29 12.94
C GLY A 285 11.41 5.55 14.09
N ARG A 286 10.77 4.44 13.75
CA ARG A 286 10.03 3.58 14.67
C ARG A 286 10.47 2.14 14.53
N CYS A 287 10.13 1.31 15.54
CA CYS A 287 10.36 -0.12 15.46
C CYS A 287 9.52 -0.72 14.32
N LYS A 288 10.02 -1.84 13.76
CA LYS A 288 9.30 -2.65 12.77
C LYS A 288 8.45 -3.65 13.56
N CYS A 289 7.12 -3.48 13.56
CA CYS A 289 6.24 -4.40 14.28
C CYS A 289 5.27 -5.12 13.39
N ASN A 290 5.50 -5.10 12.03
CA ASN A 290 4.67 -5.81 11.04
C ASN A 290 3.19 -5.41 11.10
N LEU A 291 2.93 -4.15 11.49
CA LEU A 291 1.58 -3.57 11.64
C LEU A 291 0.71 -4.31 12.67
N HIS A 292 1.36 -4.91 13.71
CA HIS A 292 0.68 -5.65 14.78
C HIS A 292 0.95 -5.06 16.18
N ALA A 293 1.41 -3.78 16.27
CA ALA A 293 1.72 -3.17 17.57
C ALA A 293 1.80 -1.66 17.43
N ASN A 294 1.35 -0.90 18.44
CA ASN A 294 1.43 0.56 18.52
C ASN A 294 2.34 0.92 19.74
N LEU A 295 2.95 -0.08 20.35
CA LEU A 295 3.92 0.10 21.44
C LEU A 295 5.19 -0.70 21.18
N CYS A 296 6.36 -0.07 21.42
CA CYS A 296 7.67 -0.71 21.26
C CYS A 296 8.55 -0.16 22.35
N SER A 297 9.10 -1.04 23.19
CA SER A 297 9.92 -0.57 24.29
C SER A 297 11.00 -1.57 24.63
N MET A 298 11.82 -1.21 25.63
CA MET A 298 12.92 -2.03 26.10
C MET A 298 12.38 -3.23 26.85
N ARG A 299 12.76 -4.44 26.40
CA ARG A 299 12.37 -5.71 27.01
C ARG A 299 13.55 -6.62 26.86
N GLU A 300 14.08 -7.10 28.00
CA GLU A 300 15.27 -7.93 28.07
C GLU A 300 16.50 -7.17 27.48
N GLY A 301 16.56 -5.86 27.74
CA GLY A 301 17.68 -5.00 27.33
C GLY A 301 17.76 -4.55 25.88
N SER A 302 16.70 -4.79 25.11
CA SER A 302 16.65 -4.34 23.72
C SER A 302 15.23 -3.99 23.35
N LEU A 303 15.07 -3.06 22.40
CA LEU A 303 13.77 -2.66 21.88
C LEU A 303 13.08 -3.89 21.29
N GLN A 304 11.81 -4.08 21.63
CA GLN A 304 10.96 -5.19 21.20
C GLN A 304 9.54 -4.67 21.12
N CYS A 305 8.76 -5.18 20.16
CA CYS A 305 7.38 -4.78 19.99
C CYS A 305 6.54 -5.36 21.11
N GLU A 306 5.48 -4.65 21.49
CA GLU A 306 4.52 -5.13 22.47
C GLU A 306 3.37 -5.63 21.56
N CYS A 307 3.48 -6.88 21.14
CA CYS A 307 2.61 -7.49 20.13
C CYS A 307 1.12 -7.64 20.45
N GLU A 308 0.30 -7.29 19.46
CA GLU A 308 -1.15 -7.41 19.51
C GLU A 308 -1.47 -8.41 18.42
N HIS A 309 -2.77 -8.62 18.13
CA HIS A 309 -3.28 -9.45 17.04
C HIS A 309 -2.95 -10.93 17.16
N ASN A 310 -2.67 -11.38 18.38
CA ASN A 310 -2.31 -12.77 18.73
C ASN A 310 -0.97 -13.16 18.13
N THR A 311 -0.08 -12.16 18.00
CA THR A 311 1.27 -12.34 17.44
C THR A 311 2.34 -12.33 18.54
N THR A 312 3.53 -12.82 18.21
CA THR A 312 4.68 -12.90 19.13
C THR A 312 5.98 -12.71 18.34
N GLY A 313 7.10 -12.71 19.04
CA GLY A 313 8.43 -12.48 18.48
C GLY A 313 8.78 -11.02 18.66
N PRO A 314 10.06 -10.59 18.48
CA PRO A 314 10.38 -9.17 18.71
C PRO A 314 9.75 -8.21 17.70
N ASP A 315 9.49 -8.67 16.46
CA ASP A 315 8.88 -7.88 15.40
C ASP A 315 7.43 -8.26 15.14
N CYS A 316 6.83 -9.12 15.99
CA CYS A 316 5.48 -9.70 15.83
C CYS A 316 5.45 -10.48 14.50
N GLY A 317 6.57 -11.13 14.19
CA GLY A 317 6.77 -11.93 12.99
C GLY A 317 6.15 -13.32 13.01
N LYS A 318 5.72 -13.80 14.19
CA LYS A 318 5.13 -15.13 14.34
C LYS A 318 3.80 -15.09 15.10
N CYS A 319 2.99 -16.14 14.90
CA CYS A 319 1.74 -16.35 15.61
C CYS A 319 2.09 -16.85 17.00
N LYS A 320 1.21 -16.59 18.00
CA LYS A 320 1.36 -17.12 19.36
C LYS A 320 1.07 -18.63 19.28
N LYS A 321 1.65 -19.44 20.20
CA LYS A 321 1.55 -20.91 20.24
C LYS A 321 0.17 -21.52 19.95
N ASN A 322 -0.87 -21.07 20.68
CA ASN A 322 -2.24 -21.57 20.53
C ASN A 322 -3.10 -20.79 19.51
N PHE A 323 -2.45 -20.10 18.53
CA PHE A 323 -3.10 -19.30 17.49
C PHE A 323 -2.49 -19.57 16.12
N ARG A 324 -2.30 -20.84 15.76
CA ARG A 324 -1.69 -21.23 14.49
C ARG A 324 -2.64 -21.93 13.50
N THR A 325 -3.97 -21.62 13.54
CA THR A 325 -4.94 -22.24 12.61
C THR A 325 -4.66 -21.81 11.17
N ARG A 326 -4.14 -20.56 11.00
CA ARG A 326 -3.75 -19.95 9.73
C ARG A 326 -2.29 -19.51 9.75
N SER A 327 -1.66 -19.51 8.57
CA SER A 327 -0.26 -19.11 8.44
C SER A 327 -0.17 -17.60 8.72
N TRP A 328 0.90 -17.20 9.44
CA TRP A 328 1.14 -15.81 9.84
C TRP A 328 1.16 -14.89 8.64
N ARG A 329 0.55 -13.71 8.82
CA ARG A 329 0.56 -12.62 7.87
C ARG A 329 0.81 -11.33 8.64
N ALA A 330 1.51 -10.41 7.97
CA ALA A 330 1.76 -9.08 8.48
C ALA A 330 0.47 -8.29 8.25
N GLY A 331 0.24 -7.31 9.10
CA GLY A 331 -0.87 -6.36 8.96
C GLY A 331 -0.70 -5.54 7.68
N SER A 332 -1.75 -4.81 7.27
CA SER A 332 -1.68 -4.04 6.03
C SER A 332 -2.21 -2.61 6.21
N TYR A 333 -1.58 -1.61 5.56
CA TYR A 333 -2.03 -0.23 5.56
C TYR A 333 -3.39 -0.14 4.80
N LEU A 334 -3.69 -1.17 3.99
CA LEU A 334 -4.88 -1.24 3.15
C LEU A 334 -5.97 -2.14 3.77
N PRO A 335 -7.27 -1.75 3.69
CA PRO A 335 -7.81 -0.53 3.06
C PRO A 335 -7.67 0.71 3.93
N LEU A 336 -7.49 1.87 3.28
CA LEU A 336 -7.37 3.14 4.00
C LEU A 336 -8.73 3.48 4.67
N PRO A 337 -8.73 4.06 5.89
CA PRO A 337 -7.58 4.57 6.65
C PRO A 337 -6.94 3.70 7.71
N HIS A 338 -7.67 2.68 8.21
CA HIS A 338 -7.21 1.87 9.34
C HIS A 338 -6.49 0.58 8.96
N GLY A 339 -6.59 0.19 7.68
CA GLY A 339 -5.96 -1.02 7.15
C GLY A 339 -6.52 -2.33 7.66
N SER A 340 -5.82 -3.45 7.37
CA SER A 340 -6.22 -4.80 7.79
C SER A 340 -5.28 -5.32 8.89
N PRO A 341 -5.82 -5.79 10.04
CA PRO A 341 -4.94 -6.27 11.13
C PRO A 341 -4.27 -7.61 10.82
N ASN A 342 -4.94 -8.46 10.00
CA ASN A 342 -4.48 -9.78 9.58
C ASN A 342 -3.95 -10.58 10.81
N ALA A 343 -4.78 -10.61 11.86
CA ALA A 343 -4.51 -11.25 13.15
C ALA A 343 -4.35 -12.74 13.02
N CYS A 344 -3.59 -13.32 13.95
CA CYS A 344 -3.41 -14.77 14.06
C CYS A 344 -4.66 -15.39 14.67
N ALA A 345 -5.15 -16.51 14.10
CA ALA A 345 -6.36 -17.19 14.56
C ALA A 345 -6.03 -18.50 15.28
N TYR B 19 -29.51 15.18 -4.98
CA TYR B 19 -28.38 15.65 -5.76
C TYR B 19 -28.64 15.38 -7.27
N ASP B 20 -29.85 15.77 -7.74
CA ASP B 20 -30.33 15.56 -9.13
C ASP B 20 -30.10 16.74 -10.07
N ILE B 21 -29.85 17.91 -9.48
CA ILE B 21 -29.75 19.21 -10.13
C ILE B 21 -28.35 19.86 -9.96
N CYS B 22 -27.67 20.19 -11.09
CA CYS B 22 -26.34 20.80 -10.97
C CYS B 22 -26.45 22.30 -10.78
N LYS B 23 -27.49 22.90 -11.37
CA LYS B 23 -27.76 24.34 -11.32
C LYS B 23 -29.22 24.69 -11.53
N SER B 24 -29.61 25.90 -11.08
CA SER B 24 -30.93 26.48 -11.28
C SER B 24 -30.89 28.01 -11.31
N TRP B 25 -31.89 28.59 -11.97
CA TRP B 25 -32.05 30.01 -12.23
C TRP B 25 -32.98 30.65 -11.21
N GLY B 31 -30.24 40.69 -8.50
CA GLY B 31 -31.43 40.07 -9.08
C GLY B 31 -31.32 38.58 -9.35
N PRO B 32 -32.03 38.04 -10.38
CA PRO B 32 -31.96 36.59 -10.66
C PRO B 32 -30.62 36.13 -11.22
N THR B 33 -30.09 35.02 -10.65
CA THR B 33 -28.81 34.40 -11.04
C THR B 33 -28.85 32.86 -11.03
N TRP B 34 -27.70 32.28 -11.39
CA TRP B 34 -27.41 30.87 -11.35
C TRP B 34 -26.87 30.48 -9.94
N GLU B 35 -27.41 29.37 -9.40
CA GLU B 35 -26.97 28.76 -8.15
C GLU B 35 -26.50 27.37 -8.52
N PHE B 36 -25.39 26.90 -7.90
CA PHE B 36 -24.82 25.58 -8.22
C PHE B 36 -24.89 24.62 -7.04
N TYR B 37 -25.15 23.33 -7.35
CA TYR B 37 -25.31 22.27 -6.35
C TYR B 37 -24.49 21.05 -6.75
N ALA B 38 -24.13 20.21 -5.76
CA ALA B 38 -23.47 18.93 -6.04
C ALA B 38 -24.51 18.07 -6.79
N CYS B 39 -24.06 17.34 -7.81
CA CYS B 39 -24.99 16.53 -8.57
C CYS B 39 -24.43 15.21 -8.96
N GLN B 40 -25.34 14.25 -9.14
CA GLN B 40 -25.11 12.86 -9.46
C GLN B 40 -25.94 12.47 -10.67
N PRO B 41 -25.40 11.62 -11.56
CA PRO B 41 -26.23 11.14 -12.67
C PRO B 41 -27.12 9.97 -12.23
N LYS B 42 -28.11 9.61 -13.06
CA LYS B 42 -29.06 8.51 -12.78
C LYS B 42 -28.37 7.15 -12.56
N VAL B 43 -29.09 6.25 -11.86
CA VAL B 43 -28.68 4.86 -11.66
C VAL B 43 -29.10 4.12 -12.96
N MET B 44 -28.26 3.21 -13.44
CA MET B 44 -28.54 2.53 -14.69
C MET B 44 -28.35 1.00 -14.59
N ARG B 45 -28.69 0.27 -15.68
CA ARG B 45 -28.44 -1.16 -15.84
C ARG B 45 -27.02 -1.20 -16.34
N LEU B 46 -26.07 -1.35 -15.44
CA LEU B 46 -24.67 -1.36 -15.82
C LEU B 46 -24.26 -2.50 -16.75
N LYS B 47 -25.01 -3.65 -16.71
CA LYS B 47 -24.74 -4.80 -17.59
C LYS B 47 -24.91 -4.44 -19.05
N ASP B 48 -25.66 -3.36 -19.33
CA ASP B 48 -25.92 -2.88 -20.70
C ASP B 48 -24.71 -2.27 -21.36
N TYR B 49 -23.75 -1.81 -20.56
CA TYR B 49 -22.53 -1.14 -20.98
C TYR B 49 -21.27 -1.97 -20.79
N VAL B 50 -21.41 -3.24 -20.35
CA VAL B 50 -20.30 -4.16 -20.09
C VAL B 50 -19.64 -4.74 -21.36
N LYS B 51 -18.31 -4.79 -21.32
CA LYS B 51 -17.47 -5.49 -22.29
C LYS B 51 -17.00 -6.75 -21.52
N VAL B 52 -17.53 -7.92 -21.90
CA VAL B 52 -17.18 -9.17 -21.25
C VAL B 52 -16.04 -9.86 -21.94
N LYS B 53 -15.29 -10.61 -21.15
CA LYS B 53 -14.18 -11.44 -21.57
C LYS B 53 -14.20 -12.63 -20.60
N VAL B 54 -14.16 -13.83 -21.15
CA VAL B 54 -14.11 -15.09 -20.41
C VAL B 54 -12.78 -15.74 -20.74
N GLU B 55 -12.02 -16.09 -19.69
CA GLU B 55 -10.71 -16.72 -19.81
C GLU B 55 -10.62 -17.95 -18.89
N PRO B 56 -9.75 -18.96 -19.16
CA PRO B 56 -8.80 -19.08 -20.29
C PRO B 56 -9.51 -19.44 -21.58
N SER B 57 -8.77 -19.42 -22.70
CA SER B 57 -9.31 -19.83 -24.00
C SER B 57 -9.72 -21.32 -23.90
N GLY B 58 -10.89 -21.65 -24.42
CA GLY B 58 -11.37 -23.02 -24.37
C GLY B 58 -12.22 -23.38 -23.16
N ILE B 59 -12.34 -22.49 -22.13
CA ILE B 59 -13.15 -22.72 -20.92
C ILE B 59 -14.67 -22.82 -21.23
N THR B 60 -15.16 -22.08 -22.27
CA THR B 60 -16.57 -22.11 -22.70
C THR B 60 -16.76 -23.44 -23.42
N CYS B 61 -17.90 -24.10 -23.20
CA CYS B 61 -18.26 -25.38 -23.82
C CYS B 61 -18.46 -25.26 -25.34
N GLY B 62 -18.52 -26.41 -26.03
CA GLY B 62 -18.88 -26.47 -27.45
C GLY B 62 -17.84 -26.47 -28.53
N ASP B 63 -16.56 -26.28 -28.19
CA ASP B 63 -15.45 -26.27 -29.15
C ASP B 63 -14.30 -27.18 -28.68
N PRO B 64 -14.33 -28.52 -28.96
CA PRO B 64 -15.30 -29.27 -29.79
C PRO B 64 -16.61 -29.64 -29.07
N PRO B 65 -17.69 -30.06 -29.81
CA PRO B 65 -18.95 -30.41 -29.12
C PRO B 65 -18.76 -31.49 -28.07
N GLU B 66 -19.43 -31.29 -26.93
CA GLU B 66 -19.29 -32.13 -25.76
C GLU B 66 -20.64 -32.37 -25.11
N ARG B 67 -20.84 -33.57 -24.59
CA ARG B 67 -22.07 -33.87 -23.90
C ARG B 67 -21.98 -33.46 -22.41
N PHE B 68 -23.12 -33.43 -21.73
CA PHE B 68 -23.21 -33.06 -20.30
C PHE B 68 -24.54 -33.58 -19.72
N CYS B 69 -24.61 -33.63 -18.39
CA CYS B 69 -25.82 -34.03 -17.69
C CYS B 69 -26.62 -32.75 -17.42
N SER B 70 -27.82 -32.67 -18.01
CA SER B 70 -28.75 -31.55 -17.87
C SER B 70 -29.81 -31.97 -16.85
N HIS B 71 -30.65 -31.01 -16.36
CA HIS B 71 -31.71 -31.31 -15.39
C HIS B 71 -32.78 -32.26 -16.00
N GLU B 72 -33.09 -32.06 -17.30
CA GLU B 72 -34.05 -32.87 -18.07
C GLU B 72 -33.55 -34.30 -18.31
N ASN B 73 -32.25 -34.46 -18.64
CA ASN B 73 -31.58 -35.74 -18.89
C ASN B 73 -30.41 -35.97 -17.87
N PRO B 74 -30.69 -36.30 -16.58
CA PRO B 74 -29.60 -36.40 -15.59
C PRO B 74 -28.80 -37.71 -15.47
N TYR B 75 -29.10 -38.71 -16.33
CA TYR B 75 -28.40 -40.00 -16.29
C TYR B 75 -27.77 -40.37 -17.61
N LEU B 76 -28.58 -40.38 -18.71
CA LEU B 76 -28.10 -40.68 -20.06
C LEU B 76 -27.11 -39.63 -20.52
N CYS B 77 -27.14 -38.43 -19.88
CA CYS B 77 -26.25 -37.28 -20.10
C CYS B 77 -25.90 -37.10 -21.58
N SER B 78 -26.95 -37.11 -22.45
CA SER B 78 -26.87 -37.00 -23.91
C SER B 78 -27.02 -35.58 -24.44
N ASN B 79 -27.37 -34.61 -23.57
CA ASN B 79 -27.51 -33.19 -23.93
C ASN B 79 -26.16 -32.71 -24.44
N GLU B 80 -26.15 -31.92 -25.53
CA GLU B 80 -24.90 -31.44 -26.13
C GLU B 80 -24.77 -29.93 -26.09
N CYS B 81 -23.52 -29.45 -25.94
CA CYS B 81 -23.18 -28.03 -26.09
C CYS B 81 -22.35 -27.97 -27.38
N ASP B 82 -22.84 -27.23 -28.37
CA ASP B 82 -22.13 -27.10 -29.64
C ASP B 82 -22.10 -25.63 -30.03
N ALA B 83 -20.91 -25.00 -29.93
CA ALA B 83 -20.68 -23.57 -30.24
C ALA B 83 -21.05 -23.18 -31.69
N SER B 84 -20.98 -24.15 -32.62
CA SER B 84 -21.33 -23.97 -34.03
C SER B 84 -22.85 -23.93 -34.26
N ASN B 85 -23.65 -24.49 -33.34
CA ASN B 85 -25.10 -24.54 -33.45
C ASN B 85 -25.78 -23.51 -32.52
N PRO B 86 -26.42 -22.44 -33.09
CA PRO B 86 -27.08 -21.41 -32.26
C PRO B 86 -28.00 -21.94 -31.17
N ASP B 87 -28.75 -23.01 -31.47
CA ASP B 87 -29.67 -23.64 -30.52
C ASP B 87 -28.96 -24.42 -29.41
N LEU B 88 -27.67 -24.82 -29.62
CA LEU B 88 -26.91 -25.60 -28.63
C LEU B 88 -25.71 -24.86 -28.03
N ALA B 89 -25.49 -23.58 -28.42
CA ALA B 89 -24.36 -22.77 -27.96
C ALA B 89 -24.66 -22.00 -26.67
N HIS B 90 -23.62 -21.74 -25.88
CA HIS B 90 -23.72 -21.00 -24.62
C HIS B 90 -22.67 -19.88 -24.58
N PRO B 91 -22.64 -18.92 -25.56
CA PRO B 91 -21.63 -17.85 -25.51
C PRO B 91 -21.79 -16.94 -24.29
N PRO B 92 -20.73 -16.19 -23.91
CA PRO B 92 -20.81 -15.34 -22.72
C PRO B 92 -21.89 -14.26 -22.73
N ARG B 93 -22.36 -13.87 -23.95
CA ARG B 93 -23.36 -12.82 -24.16
C ARG B 93 -24.72 -13.12 -23.46
N LEU B 94 -24.99 -14.43 -23.18
CA LEU B 94 -26.20 -14.93 -22.52
C LEU B 94 -26.28 -14.60 -21.01
N MET B 95 -25.19 -14.15 -20.40
CA MET B 95 -25.24 -13.73 -19.00
C MET B 95 -25.85 -12.31 -18.89
N PHE B 96 -26.09 -11.63 -20.02
CA PHE B 96 -26.53 -10.24 -20.04
C PHE B 96 -27.79 -9.92 -20.83
N ASP B 97 -28.45 -10.93 -21.41
CA ASP B 97 -29.62 -10.71 -22.26
C ASP B 97 -30.96 -10.57 -21.46
N LYS B 98 -32.07 -10.26 -22.19
CA LYS B 98 -33.41 -10.16 -21.62
C LYS B 98 -34.10 -11.46 -21.91
N GLU B 99 -34.47 -12.13 -20.84
CA GLU B 99 -35.05 -13.45 -20.85
C GLU B 99 -36.55 -13.44 -20.83
N GLU B 100 -37.14 -14.41 -21.48
CA GLU B 100 -38.58 -14.62 -21.48
C GLU B 100 -38.88 -15.66 -20.40
N GLU B 101 -40.09 -15.60 -19.83
CA GLU B 101 -40.55 -16.50 -18.77
C GLU B 101 -40.36 -17.98 -19.16
N GLY B 102 -39.80 -18.76 -18.23
CA GLY B 102 -39.53 -20.19 -18.39
C GLY B 102 -38.35 -20.54 -19.27
N LEU B 103 -37.58 -19.53 -19.75
CA LEU B 103 -36.43 -19.70 -20.67
C LEU B 103 -35.21 -18.91 -20.21
N ALA B 104 -34.53 -19.46 -19.20
CA ALA B 104 -33.29 -18.89 -18.69
C ALA B 104 -32.17 -19.24 -19.72
N THR B 105 -31.40 -18.26 -20.18
CA THR B 105 -30.31 -18.52 -21.13
C THR B 105 -29.01 -18.28 -20.39
N TYR B 106 -28.03 -19.14 -20.62
CA TYR B 106 -26.82 -19.06 -19.85
C TYR B 106 -25.52 -19.35 -20.61
N TRP B 107 -24.42 -18.81 -20.10
CA TRP B 107 -23.07 -19.16 -20.54
C TRP B 107 -22.78 -20.52 -19.85
N GLN B 108 -22.09 -21.43 -20.50
CA GLN B 108 -21.79 -22.73 -19.88
C GLN B 108 -20.35 -23.10 -20.14
N SER B 109 -19.63 -23.52 -19.09
CA SER B 109 -18.25 -23.95 -19.22
C SER B 109 -18.25 -25.39 -19.70
N ILE B 110 -17.06 -25.90 -20.09
CA ILE B 110 -16.79 -27.31 -20.42
C ILE B 110 -17.06 -28.13 -19.14
N THR B 111 -17.15 -29.45 -19.24
CA THR B 111 -17.34 -30.21 -18.01
C THR B 111 -15.99 -30.39 -17.28
N TRP B 112 -16.03 -30.95 -16.07
CA TRP B 112 -14.83 -31.17 -15.26
C TRP B 112 -14.12 -32.50 -15.63
N SER B 113 -13.99 -32.78 -16.96
CA SER B 113 -13.35 -33.97 -17.55
C SER B 113 -11.87 -34.11 -17.15
N ARG B 114 -11.19 -32.98 -16.87
CA ARG B 114 -9.77 -32.93 -16.47
C ARG B 114 -9.59 -33.12 -14.97
N TYR B 115 -10.64 -33.50 -14.23
CA TYR B 115 -10.55 -33.73 -12.78
C TYR B 115 -9.39 -34.72 -12.49
N PRO B 116 -8.51 -34.52 -11.46
CA PRO B 116 -8.46 -33.48 -10.41
C PRO B 116 -7.87 -32.11 -10.74
N SER B 117 -7.62 -31.79 -12.02
CA SER B 117 -7.15 -30.44 -12.36
C SER B 117 -8.30 -29.49 -12.12
N PRO B 118 -8.07 -28.36 -11.41
CA PRO B 118 -9.18 -27.46 -11.06
C PRO B 118 -9.94 -26.93 -12.28
N LEU B 119 -11.27 -26.82 -12.14
CA LEU B 119 -12.16 -26.26 -13.15
C LEU B 119 -12.27 -24.80 -12.78
N GLU B 120 -11.53 -23.97 -13.52
CA GLU B 120 -11.38 -22.56 -13.22
C GLU B 120 -11.72 -21.65 -14.39
N ALA B 121 -12.48 -20.59 -14.12
CA ALA B 121 -12.82 -19.60 -15.16
C ALA B 121 -12.72 -18.19 -14.60
N ASN B 122 -12.18 -17.27 -15.41
CA ASN B 122 -12.11 -15.85 -15.06
C ASN B 122 -13.11 -15.09 -15.96
N ILE B 123 -14.10 -14.43 -15.36
CA ILE B 123 -15.08 -13.62 -16.09
C ILE B 123 -14.88 -12.15 -15.72
N THR B 124 -14.40 -11.36 -16.67
CA THR B 124 -14.09 -9.95 -16.50
C THR B 124 -15.21 -9.09 -17.09
N LEU B 125 -15.66 -8.13 -16.28
CA LEU B 125 -16.70 -7.17 -16.68
C LEU B 125 -16.06 -5.80 -16.72
N SER B 126 -15.95 -5.21 -17.93
CA SER B 126 -15.28 -3.92 -18.10
C SER B 126 -16.16 -2.76 -18.54
N TRP B 127 -16.04 -1.63 -17.80
CA TRP B 127 -16.80 -0.42 -18.12
C TRP B 127 -16.00 0.70 -18.79
N ASN B 128 -14.66 0.64 -18.70
CA ASN B 128 -13.73 1.67 -19.21
C ASN B 128 -14.18 3.06 -18.71
N LYS B 129 -14.72 3.07 -17.46
CA LYS B 129 -15.26 4.24 -16.76
C LYS B 129 -15.46 3.85 -15.31
N THR B 130 -15.18 4.78 -14.39
CA THR B 130 -15.40 4.62 -12.96
C THR B 130 -16.90 4.78 -12.69
N VAL B 131 -17.49 3.73 -12.16
CA VAL B 131 -18.88 3.62 -11.80
C VAL B 131 -18.97 3.36 -10.27
N GLU B 132 -20.10 3.69 -9.68
CA GLU B 132 -20.34 3.51 -8.25
C GLU B 132 -21.59 2.64 -8.10
N LEU B 133 -21.45 1.50 -7.40
CA LEU B 133 -22.53 0.55 -7.11
C LEU B 133 -23.56 1.15 -6.18
N THR B 134 -24.84 1.01 -6.54
CA THR B 134 -25.90 1.59 -5.75
C THR B 134 -26.77 0.49 -5.18
N ASP B 135 -26.62 -0.69 -5.72
CA ASP B 135 -27.33 -1.86 -5.27
C ASP B 135 -26.45 -3.14 -5.40
N ASP B 136 -26.94 -4.27 -4.85
CA ASP B 136 -26.27 -5.57 -4.92
C ASP B 136 -25.90 -6.08 -6.31
N VAL B 137 -24.74 -6.78 -6.40
CA VAL B 137 -24.35 -7.46 -7.61
C VAL B 137 -24.93 -8.83 -7.39
N VAL B 138 -25.81 -9.27 -8.31
CA VAL B 138 -26.44 -10.56 -8.25
C VAL B 138 -25.93 -11.38 -9.41
N MET B 139 -25.35 -12.59 -9.11
CA MET B 139 -24.83 -13.55 -10.09
C MET B 139 -25.68 -14.85 -10.00
N THR B 140 -26.43 -15.14 -11.08
CA THR B 140 -27.36 -16.26 -11.14
C THR B 140 -26.78 -17.46 -11.85
N PHE B 141 -26.69 -18.58 -11.13
CA PHE B 141 -26.15 -19.86 -11.56
C PHE B 141 -27.27 -20.85 -11.80
N GLU B 142 -27.16 -21.67 -12.88
CA GLU B 142 -28.19 -22.62 -13.30
C GLU B 142 -28.00 -24.05 -12.84
N TYR B 143 -26.74 -24.49 -12.71
CA TYR B 143 -26.45 -25.84 -12.23
C TYR B 143 -25.64 -25.77 -10.92
N GLY B 144 -26.19 -25.04 -9.98
CA GLY B 144 -25.56 -24.87 -8.67
C GLY B 144 -24.56 -23.74 -8.61
N ARG B 145 -24.46 -23.13 -7.45
CA ARG B 145 -23.53 -22.05 -7.22
C ARG B 145 -22.14 -22.61 -6.95
N PRO B 146 -21.08 -21.83 -7.24
CA PRO B 146 -19.72 -22.34 -6.98
C PRO B 146 -19.48 -22.70 -5.50
N THR B 147 -18.51 -23.57 -5.29
CA THR B 147 -18.10 -24.02 -3.99
C THR B 147 -17.02 -23.03 -3.55
N VAL B 148 -16.23 -22.54 -4.54
CA VAL B 148 -15.16 -21.55 -4.29
C VAL B 148 -15.18 -20.50 -5.43
N MET B 149 -15.24 -19.23 -5.05
CA MET B 149 -15.17 -18.09 -5.96
C MET B 149 -14.72 -16.82 -5.25
N VAL B 150 -14.00 -15.96 -5.99
CA VAL B 150 -13.53 -14.66 -5.55
C VAL B 150 -14.05 -13.63 -6.53
N LEU B 151 -14.69 -12.59 -6.00
CA LEU B 151 -15.10 -11.44 -6.80
C LEU B 151 -13.97 -10.39 -6.59
N GLU B 152 -13.37 -9.91 -7.68
CA GLU B 152 -12.33 -8.89 -7.59
C GLU B 152 -12.81 -7.60 -8.22
N LYS B 153 -12.13 -6.51 -7.92
CA LYS B 153 -12.41 -5.12 -8.32
C LYS B 153 -11.15 -4.53 -8.95
N SER B 154 -11.31 -3.66 -9.95
CA SER B 154 -10.22 -2.89 -10.53
C SER B 154 -10.66 -1.44 -10.63
N LEU B 155 -9.76 -0.51 -10.31
CA LEU B 155 -10.05 0.92 -10.37
C LEU B 155 -9.27 1.67 -11.44
N ASP B 156 -8.36 0.97 -12.13
CA ASP B 156 -7.53 1.53 -13.18
C ASP B 156 -7.62 0.70 -14.48
N ASN B 157 -8.82 0.24 -14.84
CA ASN B 157 -9.04 -0.49 -16.09
C ASN B 157 -8.26 -1.79 -16.28
N GLY B 158 -8.07 -2.56 -15.21
CA GLY B 158 -7.40 -3.84 -15.27
C GLY B 158 -5.89 -3.89 -15.14
N ARG B 159 -5.24 -2.76 -14.82
CA ARG B 159 -3.78 -2.73 -14.62
C ARG B 159 -3.48 -3.37 -13.29
N THR B 160 -4.32 -3.08 -12.30
CA THR B 160 -4.23 -3.55 -10.93
C THR B 160 -5.58 -4.15 -10.48
N TRP B 161 -5.51 -5.26 -9.72
CA TRP B 161 -6.67 -5.96 -9.20
C TRP B 161 -6.57 -6.11 -7.71
N GLN B 162 -7.71 -5.96 -7.05
CA GLN B 162 -7.82 -6.14 -5.60
C GLN B 162 -9.02 -7.04 -5.27
N PRO B 163 -8.91 -7.92 -4.26
CA PRO B 163 -10.06 -8.73 -3.87
C PRO B 163 -11.20 -7.83 -3.37
N TYR B 164 -12.45 -8.20 -3.67
CA TYR B 164 -13.62 -7.41 -3.29
C TYR B 164 -14.55 -8.19 -2.33
N GLN B 165 -14.73 -9.48 -2.60
CA GLN B 165 -15.54 -10.39 -1.81
C GLN B 165 -15.09 -11.83 -2.10
N PHE B 166 -14.97 -12.64 -1.05
CA PHE B 166 -14.61 -14.06 -1.17
C PHE B 166 -15.83 -14.87 -0.83
N TYR B 167 -15.99 -16.01 -1.50
CA TYR B 167 -17.12 -16.93 -1.32
C TYR B 167 -16.58 -18.34 -1.22
N ALA B 168 -17.03 -19.07 -0.21
CA ALA B 168 -16.65 -20.48 -0.03
C ALA B 168 -17.65 -21.19 0.86
N GLU B 169 -17.81 -22.51 0.67
CA GLU B 169 -18.63 -23.37 1.51
C GLU B 169 -18.00 -23.38 2.91
N ASP B 170 -16.66 -23.34 2.96
CA ASP B 170 -15.81 -23.28 4.15
C ASP B 170 -14.76 -22.21 3.90
N CYS B 171 -15.01 -20.99 4.41
CA CYS B 171 -14.13 -19.82 4.29
C CYS B 171 -12.70 -20.06 4.80
N MET B 172 -12.57 -20.76 5.95
CA MET B 172 -11.28 -21.06 6.60
C MET B 172 -10.42 -22.00 5.80
N GLU B 173 -11.01 -23.09 5.29
CA GLU B 173 -10.30 -24.07 4.47
C GLU B 173 -9.87 -23.48 3.10
N ALA B 174 -10.71 -22.61 2.50
CA ALA B 174 -10.43 -22.06 1.16
C ALA B 174 -9.50 -20.87 1.16
N PHE B 175 -9.73 -19.91 2.07
CA PHE B 175 -8.98 -18.66 2.07
C PHE B 175 -8.30 -18.30 3.38
N GLY B 176 -8.50 -19.13 4.41
CA GLY B 176 -7.96 -18.86 5.73
C GLY B 176 -8.61 -17.65 6.39
N MET B 177 -9.91 -17.42 6.09
CA MET B 177 -10.68 -16.29 6.62
C MET B 177 -11.87 -16.78 7.39
N SER B 178 -12.34 -15.99 8.36
CA SER B 178 -13.55 -16.31 9.10
C SER B 178 -14.75 -15.93 8.23
N ALA B 179 -15.85 -16.66 8.35
CA ALA B 179 -17.06 -16.39 7.60
C ALA B 179 -17.77 -15.21 8.26
N ARG B 180 -18.05 -14.16 7.47
CA ARG B 180 -18.70 -12.94 7.94
C ARG B 180 -19.69 -12.42 6.89
N ARG B 181 -20.75 -11.74 7.35
CA ARG B 181 -21.73 -11.13 6.45
C ARG B 181 -21.59 -9.62 6.57
N ALA B 182 -21.85 -8.91 5.45
CA ALA B 182 -21.82 -7.45 5.38
C ALA B 182 -22.76 -6.82 6.41
N ARG B 183 -23.76 -7.58 6.89
CA ARG B 183 -24.72 -7.15 7.90
C ARG B 183 -24.15 -7.25 9.32
N ASP B 184 -23.03 -7.97 9.51
CA ASP B 184 -22.37 -8.08 10.82
C ASP B 184 -21.30 -6.99 11.01
N MET B 185 -21.19 -6.04 10.06
CA MET B 185 -20.16 -4.99 10.15
C MET B 185 -20.53 -3.78 10.99
N SER B 186 -19.51 -3.06 11.45
CA SER B 186 -19.68 -1.82 12.23
C SER B 186 -19.50 -0.62 11.26
N SER B 187 -19.79 0.61 11.74
CA SER B 187 -19.66 1.83 10.93
C SER B 187 -18.20 2.17 10.58
N SER B 188 -17.23 1.56 11.27
CA SER B 188 -15.80 1.79 11.00
C SER B 188 -15.18 0.70 10.12
N SER B 189 -15.93 -0.39 9.88
CA SER B 189 -15.44 -1.49 9.05
C SER B 189 -16.43 -1.90 7.93
N ALA B 190 -17.24 -0.94 7.46
CA ALA B 190 -18.23 -1.13 6.40
C ALA B 190 -17.60 -1.40 5.05
N HIS B 191 -16.33 -1.02 4.88
CA HIS B 191 -15.52 -1.15 3.66
C HIS B 191 -14.48 -2.30 3.73
N ARG B 192 -14.66 -3.24 4.67
CA ARG B 192 -13.78 -4.40 4.81
C ARG B 192 -14.17 -5.45 3.77
N VAL B 193 -13.17 -6.14 3.19
CA VAL B 193 -13.38 -7.21 2.21
C VAL B 193 -13.57 -8.48 3.04
N LEU B 194 -14.73 -9.13 2.88
CA LEU B 194 -15.09 -10.31 3.65
C LEU B 194 -15.17 -11.59 2.84
N CYS B 195 -15.27 -12.73 3.56
CA CYS B 195 -15.56 -14.04 2.99
C CYS B 195 -16.92 -14.43 3.54
N THR B 196 -17.78 -14.99 2.69
CA THR B 196 -19.08 -15.47 3.14
C THR B 196 -19.32 -16.91 2.69
N GLU B 197 -20.13 -17.66 3.49
CA GLU B 197 -20.54 -19.04 3.21
C GLU B 197 -21.99 -19.16 2.77
N GLU B 198 -22.77 -18.07 2.96
CA GLU B 198 -24.18 -17.90 2.66
C GLU B 198 -24.65 -18.30 1.21
N TYR B 199 -23.78 -18.12 0.20
CA TYR B 199 -24.14 -18.41 -1.21
C TYR B 199 -23.36 -19.55 -1.81
N SER B 200 -22.76 -20.41 -0.96
CA SER B 200 -21.90 -21.50 -1.40
C SER B 200 -22.17 -22.86 -0.76
N ARG B 201 -22.77 -22.88 0.46
CA ARG B 201 -23.13 -24.12 1.18
C ARG B 201 -24.16 -24.92 0.40
N TRP B 202 -24.09 -26.25 0.51
CA TRP B 202 -25.07 -27.11 -0.14
C TRP B 202 -26.37 -27.09 0.65
N GLU B 208 -32.53 -21.57 -4.90
CA GLU B 208 -31.40 -20.68 -4.50
C GLU B 208 -30.28 -20.68 -5.57
N LYS B 209 -30.47 -19.82 -6.58
CA LYS B 209 -29.59 -19.66 -7.71
C LYS B 209 -28.64 -18.50 -7.55
N HIS B 210 -28.93 -17.58 -6.64
CA HIS B 210 -28.17 -16.32 -6.51
C HIS B 210 -26.99 -16.26 -5.58
N VAL B 211 -25.93 -15.63 -6.08
CA VAL B 211 -24.72 -15.28 -5.37
C VAL B 211 -24.83 -13.77 -5.36
N ARG B 212 -24.64 -13.16 -4.20
CA ARG B 212 -24.80 -11.72 -4.07
C ARG B 212 -23.58 -11.04 -3.54
N PHE B 213 -23.34 -9.82 -4.02
CA PHE B 213 -22.31 -8.97 -3.43
C PHE B 213 -23.17 -7.94 -2.74
N GLU B 214 -23.23 -8.04 -1.41
CA GLU B 214 -24.09 -7.25 -0.53
C GLU B 214 -23.70 -5.76 -0.49
N VAL B 215 -24.45 -4.94 -1.26
CA VAL B 215 -24.24 -3.48 -1.33
C VAL B 215 -25.28 -2.81 -0.43
N ARG B 216 -26.56 -3.18 -0.58
CA ARG B 216 -27.68 -2.61 0.18
C ARG B 216 -27.47 -2.72 1.69
N ASP B 217 -26.91 -3.86 2.13
CA ASP B 217 -26.58 -4.18 3.52
C ASP B 217 -25.49 -3.31 4.09
N ARG B 218 -24.54 -2.81 3.24
CA ARG B 218 -23.47 -1.92 3.70
C ARG B 218 -24.00 -0.52 3.89
N PHE B 219 -24.96 -0.11 3.06
CA PHE B 219 -25.62 1.20 3.20
C PHE B 219 -26.49 1.17 4.48
N ALA B 220 -27.09 -0.02 4.77
CA ALA B 220 -27.95 -0.25 5.92
C ALA B 220 -27.18 0.03 7.23
N ILE B 221 -25.84 -0.11 7.23
CA ILE B 221 -25.01 0.19 8.43
C ILE B 221 -25.22 1.67 8.84
N PHE B 222 -25.35 2.55 7.82
CA PHE B 222 -25.53 3.98 8.00
C PHE B 222 -26.97 4.48 7.95
N ALA B 223 -27.77 3.99 6.99
CA ALA B 223 -29.14 4.44 6.78
C ALA B 223 -30.23 3.61 7.49
N GLY B 224 -29.85 2.55 8.18
CA GLY B 224 -30.79 1.64 8.83
C GLY B 224 -31.30 0.57 7.88
N PRO B 225 -31.88 -0.54 8.41
CA PRO B 225 -32.41 -1.59 7.54
C PRO B 225 -33.47 -1.13 6.55
N ASP B 226 -34.25 -0.08 6.91
CA ASP B 226 -35.27 0.48 6.03
C ASP B 226 -34.72 1.55 5.06
N LEU B 227 -33.41 1.86 5.18
CA LEU B 227 -32.70 2.88 4.38
C LEU B 227 -33.37 4.24 4.52
N ARG B 228 -33.96 4.53 5.69
CA ARG B 228 -34.65 5.81 5.91
C ARG B 228 -33.74 6.91 6.49
N ASN B 229 -32.52 6.56 6.96
CA ASN B 229 -31.59 7.55 7.49
C ASN B 229 -30.52 7.88 6.44
N MET B 230 -30.98 8.40 5.27
CA MET B 230 -30.15 8.81 4.13
C MET B 230 -29.21 9.96 4.45
N ASP B 231 -29.61 10.81 5.39
CA ASP B 231 -28.79 11.94 5.86
C ASP B 231 -27.50 11.44 6.47
N ASN B 232 -27.58 10.36 7.28
CA ASN B 232 -26.43 9.74 7.91
C ASN B 232 -25.49 9.07 6.89
N LEU B 233 -26.06 8.43 5.86
CA LEU B 233 -25.33 7.79 4.76
C LEU B 233 -24.55 8.84 3.92
N TYR B 234 -25.25 9.85 3.35
CA TYR B 234 -24.57 10.90 2.57
C TYR B 234 -23.47 11.60 3.41
N THR B 235 -23.74 11.85 4.74
CA THR B 235 -22.79 12.44 5.69
C THR B 235 -21.58 11.53 5.85
N ARG B 236 -21.79 10.21 5.98
CA ARG B 236 -20.65 9.29 6.12
C ARG B 236 -19.90 9.03 4.79
N LEU B 237 -20.62 9.03 3.65
CA LEU B 237 -20.00 8.93 2.32
C LEU B 237 -19.01 10.09 2.10
N GLU B 238 -19.29 11.24 2.72
CA GLU B 238 -18.42 12.40 2.66
C GLU B 238 -17.29 12.40 3.70
N SER B 239 -17.62 12.11 4.97
CA SER B 239 -16.67 12.17 6.08
C SER B 239 -15.86 10.90 6.40
N ALA B 240 -16.40 9.69 6.10
CA ALA B 240 -15.68 8.43 6.37
C ALA B 240 -14.74 8.09 5.21
N LYS B 241 -13.42 8.09 5.49
CA LYS B 241 -12.38 7.79 4.50
C LYS B 241 -12.56 6.41 3.88
N GLY B 242 -12.46 6.35 2.56
CA GLY B 242 -12.56 5.12 1.79
C GLY B 242 -13.93 4.49 1.62
N LEU B 243 -14.97 5.03 2.30
CA LEU B 243 -16.32 4.45 2.20
C LEU B 243 -16.91 4.50 0.78
N LYS B 244 -16.86 5.69 0.12
CA LYS B 244 -17.40 5.90 -1.22
C LYS B 244 -16.50 5.19 -2.28
N GLU B 245 -15.17 5.18 -2.06
CA GLU B 245 -14.22 4.48 -2.94
C GLU B 245 -14.51 2.97 -2.92
N PHE B 246 -15.05 2.43 -1.79
CA PHE B 246 -15.39 1.01 -1.69
C PHE B 246 -16.40 0.55 -2.74
N PHE B 247 -17.39 1.41 -3.10
CA PHE B 247 -18.44 1.12 -4.11
C PHE B 247 -18.02 1.52 -5.51
N THR B 248 -16.81 2.07 -5.63
CA THR B 248 -16.26 2.57 -6.88
C THR B 248 -15.35 1.55 -7.57
N LEU B 249 -15.48 1.42 -8.92
CA LEU B 249 -14.72 0.48 -9.77
C LEU B 249 -14.82 0.85 -11.25
N THR B 250 -13.86 0.35 -12.05
CA THR B 250 -13.83 0.45 -13.51
C THR B 250 -14.16 -0.94 -14.08
N ASP B 251 -13.80 -2.00 -13.30
CA ASP B 251 -14.00 -3.40 -13.67
C ASP B 251 -14.29 -4.32 -12.49
N LEU B 252 -14.99 -5.42 -12.79
CA LEU B 252 -15.24 -6.50 -11.82
C LEU B 252 -14.68 -7.77 -12.46
N ARG B 253 -14.24 -8.72 -11.63
CA ARG B 253 -13.79 -10.02 -12.12
C ARG B 253 -14.30 -11.13 -11.22
N MET B 254 -15.00 -12.11 -11.81
CA MET B 254 -15.47 -13.30 -11.11
C MET B 254 -14.45 -14.41 -11.33
N ARG B 255 -13.63 -14.73 -10.29
CA ARG B 255 -12.68 -15.83 -10.36
C ARG B 255 -13.38 -17.08 -9.83
N LEU B 256 -13.93 -17.90 -10.76
CA LEU B 256 -14.65 -19.14 -10.43
C LEU B 256 -13.60 -20.21 -10.17
N LEU B 257 -13.56 -20.75 -8.93
CA LEU B 257 -12.51 -21.69 -8.53
C LEU B 257 -12.97 -23.15 -8.35
N ARG B 258 -14.20 -23.37 -7.91
CA ARG B 258 -14.73 -24.73 -7.75
C ARG B 258 -16.23 -24.76 -8.01
N PRO B 259 -16.70 -25.62 -8.95
CA PRO B 259 -18.15 -25.67 -9.22
C PRO B 259 -18.94 -26.32 -8.07
N ALA B 260 -20.29 -26.41 -8.21
CA ALA B 260 -21.13 -27.05 -7.19
C ALA B 260 -20.78 -28.56 -7.12
N LEU B 261 -20.79 -29.13 -5.91
CA LEU B 261 -20.47 -30.54 -5.67
C LEU B 261 -21.65 -31.31 -5.04
N GLY B 262 -22.81 -30.66 -4.89
CA GLY B 262 -23.90 -31.24 -4.12
C GLY B 262 -23.37 -31.21 -2.68
N GLY B 263 -23.79 -32.10 -1.83
CA GLY B 263 -23.22 -32.10 -0.49
C GLY B 263 -22.21 -33.21 -0.31
N THR B 264 -21.44 -33.53 -1.37
CA THR B 264 -20.53 -34.67 -1.37
C THR B 264 -19.21 -34.53 -2.16
N TYR B 265 -18.40 -35.58 -2.14
CA TYR B 265 -17.17 -35.63 -2.89
C TYR B 265 -17.52 -35.80 -4.38
N VAL B 266 -16.58 -35.45 -5.28
CA VAL B 266 -16.72 -35.55 -6.72
C VAL B 266 -16.99 -36.97 -7.07
N GLN B 267 -17.99 -37.19 -7.95
CA GLN B 267 -18.36 -38.50 -8.44
C GLN B 267 -17.45 -38.76 -9.66
N ARG B 268 -16.28 -39.42 -9.44
CA ARG B 268 -15.32 -39.72 -10.53
C ARG B 268 -15.93 -40.35 -11.79
N GLU B 269 -16.93 -41.28 -11.64
CA GLU B 269 -17.61 -41.97 -12.75
C GLU B 269 -18.34 -41.02 -13.69
N ASN B 270 -18.81 -39.86 -13.15
CA ASN B 270 -19.60 -38.91 -13.97
C ASN B 270 -19.21 -37.45 -13.75
N LEU B 271 -18.20 -37.03 -14.49
CA LEU B 271 -17.66 -35.68 -14.43
C LEU B 271 -18.47 -34.75 -15.33
N TYR B 272 -19.27 -35.36 -16.24
CA TYR B 272 -20.16 -34.70 -17.18
C TYR B 272 -21.27 -33.91 -16.46
N LYS B 273 -21.42 -34.14 -15.15
CA LYS B 273 -22.39 -33.41 -14.37
C LYS B 273 -21.82 -32.16 -13.69
N TYR B 274 -20.48 -31.95 -13.74
CA TYR B 274 -19.84 -30.78 -13.11
C TYR B 274 -19.43 -29.73 -14.13
N PHE B 275 -20.01 -28.51 -14.01
CA PHE B 275 -19.70 -27.38 -14.88
C PHE B 275 -20.35 -26.11 -14.38
N TYR B 276 -19.86 -24.95 -14.86
CA TYR B 276 -20.44 -23.66 -14.53
C TYR B 276 -21.50 -23.30 -15.56
N ALA B 277 -22.64 -22.76 -15.08
CA ALA B 277 -23.70 -22.24 -15.92
C ALA B 277 -24.20 -20.95 -15.32
N ILE B 278 -23.97 -19.80 -16.01
CA ILE B 278 -24.42 -18.49 -15.54
C ILE B 278 -25.49 -17.90 -16.46
N SER B 279 -26.73 -17.72 -15.94
CA SER B 279 -27.83 -17.14 -16.71
C SER B 279 -27.87 -15.62 -16.68
N ASN B 280 -27.38 -14.97 -15.56
CA ASN B 280 -27.46 -13.54 -15.35
C ASN B 280 -26.48 -12.93 -14.33
N ILE B 281 -26.00 -11.72 -14.66
CA ILE B 281 -25.12 -10.89 -13.83
C ILE B 281 -25.75 -9.49 -13.87
N GLU B 282 -26.35 -9.08 -12.74
CA GLU B 282 -27.01 -7.79 -12.62
C GLU B 282 -26.13 -6.85 -11.86
N VAL B 283 -25.79 -5.72 -12.50
CA VAL B 283 -24.92 -4.68 -11.93
C VAL B 283 -25.67 -3.33 -12.02
N ILE B 284 -25.86 -2.68 -10.83
CA ILE B 284 -26.62 -1.46 -10.61
C ILE B 284 -25.81 -0.33 -10.02
N GLY B 285 -25.82 0.80 -10.73
CA GLY B 285 -25.10 2.00 -10.30
C GLY B 285 -25.10 3.13 -11.30
N ARG B 286 -24.27 4.15 -11.01
CA ARG B 286 -24.09 5.38 -11.79
C ARG B 286 -22.62 5.60 -12.08
N CYS B 287 -22.35 6.49 -13.02
CA CYS B 287 -21.03 6.96 -13.32
C CYS B 287 -20.57 7.78 -12.12
N LYS B 288 -19.26 7.79 -11.88
CA LYS B 288 -18.61 8.62 -10.87
C LYS B 288 -18.31 9.95 -11.57
N CYS B 289 -18.93 11.02 -11.12
CA CYS B 289 -18.72 12.32 -11.73
C CYS B 289 -18.22 13.36 -10.73
N ASN B 290 -17.72 12.88 -9.54
CA ASN B 290 -17.15 13.72 -8.45
C ASN B 290 -18.11 14.82 -7.99
N LEU B 291 -19.42 14.54 -8.09
CA LEU B 291 -20.51 15.45 -7.73
C LEU B 291 -20.53 16.72 -8.58
N HIS B 292 -20.06 16.60 -9.85
CA HIS B 292 -19.99 17.71 -10.80
C HIS B 292 -20.80 17.46 -12.08
N ALA B 293 -21.72 16.47 -12.07
CA ALA B 293 -22.53 16.15 -13.25
C ALA B 293 -23.76 15.33 -12.86
N ASN B 294 -24.91 15.64 -13.46
CA ASN B 294 -26.17 14.94 -13.28
C ASN B 294 -26.48 14.20 -14.59
N LEU B 295 -25.55 14.26 -15.56
CA LEU B 295 -25.65 13.53 -16.83
C LEU B 295 -24.35 12.75 -17.14
N CYS B 296 -24.50 11.48 -17.57
CA CYS B 296 -23.41 10.60 -17.99
C CYS B 296 -23.86 9.80 -19.18
N SER B 297 -23.13 9.90 -20.30
CA SER B 297 -23.52 9.20 -21.52
C SER B 297 -22.31 8.80 -22.34
N MET B 298 -22.57 8.07 -23.44
CA MET B 298 -21.56 7.59 -24.39
C MET B 298 -20.98 8.75 -25.17
N ARG B 299 -19.63 8.89 -25.14
CA ARG B 299 -18.89 9.95 -25.84
C ARG B 299 -17.56 9.34 -26.23
N GLU B 300 -17.22 9.38 -27.54
CA GLU B 300 -16.02 8.74 -28.10
C GLU B 300 -16.00 7.23 -27.74
N GLY B 301 -17.17 6.59 -27.90
CA GLY B 301 -17.38 5.16 -27.64
C GLY B 301 -17.37 4.63 -26.22
N SER B 302 -17.31 5.51 -25.20
CA SER B 302 -17.35 5.07 -23.80
C SER B 302 -18.15 6.04 -22.94
N LEU B 303 -18.69 5.56 -21.81
CA LEU B 303 -19.43 6.39 -20.85
C LEU B 303 -18.45 7.45 -20.29
N GLN B 304 -18.89 8.70 -20.29
CA GLN B 304 -18.14 9.85 -19.79
C GLN B 304 -19.15 10.81 -19.21
N CYS B 305 -18.76 11.55 -18.16
CA CYS B 305 -19.62 12.54 -17.53
C CYS B 305 -19.81 13.73 -18.46
N GLU B 306 -20.95 14.40 -18.32
CA GLU B 306 -21.27 15.64 -19.03
C GLU B 306 -21.00 16.69 -17.95
N CYS B 307 -19.73 17.05 -17.82
CA CYS B 307 -19.21 17.90 -16.74
C CYS B 307 -19.76 19.31 -16.60
N GLU B 308 -20.08 19.66 -15.36
CA GLU B 308 -20.57 20.98 -14.97
C GLU B 308 -19.53 21.57 -14.02
N HIS B 309 -19.84 22.72 -13.37
CA HIS B 309 -19.01 23.41 -12.39
C HIS B 309 -17.60 23.76 -12.91
N ASN B 310 -17.49 23.97 -14.24
CA ASN B 310 -16.24 24.33 -14.93
C ASN B 310 -15.19 23.23 -14.82
N THR B 311 -15.66 21.98 -14.72
CA THR B 311 -14.77 20.81 -14.63
C THR B 311 -14.66 20.13 -15.99
N THR B 312 -13.66 19.26 -16.15
CA THR B 312 -13.40 18.50 -17.37
C THR B 312 -12.80 17.13 -17.02
N GLY B 313 -12.61 16.29 -18.03
CA GLY B 313 -12.10 14.94 -17.85
C GLY B 313 -13.27 13.97 -17.81
N PRO B 314 -13.07 12.65 -18.04
CA PRO B 314 -14.23 11.73 -18.07
C PRO B 314 -15.03 11.61 -16.77
N ASP B 315 -14.40 11.91 -15.63
CA ASP B 315 -14.99 11.84 -14.29
C ASP B 315 -15.12 13.22 -13.66
N CYS B 316 -14.91 14.31 -14.43
CA CYS B 316 -14.92 15.70 -13.92
C CYS B 316 -13.84 15.88 -12.80
N GLY B 317 -12.73 15.15 -12.94
CA GLY B 317 -11.61 15.12 -12.00
C GLY B 317 -10.63 16.29 -12.14
N LYS B 318 -10.78 17.09 -13.22
CA LYS B 318 -9.91 18.25 -13.46
C LYS B 318 -10.69 19.53 -13.76
N CYS B 319 -10.08 20.67 -13.46
CA CYS B 319 -10.56 22.01 -13.77
C CYS B 319 -10.39 22.24 -15.27
N LYS B 320 -11.28 23.01 -15.91
CA LYS B 320 -11.16 23.38 -17.34
C LYS B 320 -9.92 24.30 -17.49
N LYS B 321 -9.35 24.39 -18.71
CA LYS B 321 -8.11 25.16 -18.96
C LYS B 321 -8.07 26.58 -18.41
N ASN B 322 -9.13 27.37 -18.62
CA ASN B 322 -9.16 28.76 -18.14
C ASN B 322 -9.82 28.97 -16.77
N PHE B 323 -10.01 27.88 -16.00
CA PHE B 323 -10.62 27.89 -14.67
C PHE B 323 -9.72 27.16 -13.67
N ARG B 324 -8.42 27.44 -13.72
CA ARG B 324 -7.40 26.81 -12.86
C ARG B 324 -6.82 27.74 -11.78
N THR B 325 -7.62 28.71 -11.28
CA THR B 325 -7.15 29.67 -10.26
C THR B 325 -6.98 29.04 -8.88
N ARG B 326 -7.84 28.05 -8.58
CA ARG B 326 -7.82 27.24 -7.36
C ARG B 326 -7.62 25.77 -7.73
N SER B 327 -7.00 25.00 -6.83
CA SER B 327 -6.75 23.57 -7.05
C SER B 327 -8.10 22.85 -7.05
N TRP B 328 -8.28 21.93 -8.00
CA TRP B 328 -9.50 21.14 -8.16
C TRP B 328 -9.97 20.48 -6.87
N ARG B 329 -11.29 20.46 -6.67
CA ARG B 329 -11.94 19.78 -5.56
C ARG B 329 -13.13 19.03 -6.11
N ALA B 330 -13.48 17.95 -5.43
CA ALA B 330 -14.67 17.18 -5.78
C ALA B 330 -15.81 17.89 -5.08
N GLY B 331 -17.01 17.75 -5.65
CA GLY B 331 -18.23 18.27 -5.04
C GLY B 331 -18.48 17.53 -3.73
N SER B 332 -19.42 18.02 -2.92
CA SER B 332 -19.70 17.40 -1.64
C SER B 332 -21.19 17.22 -1.38
N TYR B 333 -21.56 16.12 -0.72
CA TYR B 333 -22.91 15.83 -0.27
C TYR B 333 -23.25 16.83 0.85
N LEU B 334 -22.20 17.34 1.53
CA LEU B 334 -22.30 18.28 2.64
C LEU B 334 -22.20 19.73 2.17
N PRO B 335 -23.05 20.65 2.70
CA PRO B 335 -24.05 20.43 3.75
C PRO B 335 -25.38 19.92 3.22
N LEU B 336 -26.11 19.18 4.04
CA LEU B 336 -27.43 18.67 3.63
C LEU B 336 -28.39 19.87 3.46
N PRO B 337 -29.32 19.84 2.49
CA PRO B 337 -29.63 18.71 1.58
C PRO B 337 -29.03 18.78 0.18
N HIS B 338 -28.48 19.92 -0.25
CA HIS B 338 -27.99 20.06 -1.63
C HIS B 338 -26.47 20.01 -1.81
N GLY B 339 -25.74 20.01 -0.70
CA GLY B 339 -24.29 19.94 -0.69
C GLY B 339 -23.56 21.17 -1.21
N SER B 340 -22.27 20.99 -1.54
CA SER B 340 -21.42 22.04 -2.07
C SER B 340 -20.96 21.65 -3.47
N PRO B 341 -21.10 22.55 -4.46
CA PRO B 341 -20.67 22.21 -5.83
C PRO B 341 -19.14 22.23 -6.01
N ASN B 342 -18.43 23.04 -5.18
CA ASN B 342 -16.96 23.17 -5.19
C ASN B 342 -16.40 23.32 -6.63
N ALA B 343 -17.00 24.26 -7.38
CA ALA B 343 -16.73 24.58 -8.78
C ALA B 343 -15.35 25.14 -8.99
N CYS B 344 -14.82 24.97 -10.20
CA CYS B 344 -13.52 25.51 -10.59
C CYS B 344 -13.67 27.00 -10.92
N ALA B 345 -12.76 27.85 -10.40
CA ALA B 345 -12.77 29.30 -10.57
C ALA B 345 -11.65 29.75 -11.48
#